data_1MQS
#
_entry.id   1MQS
#
_cell.length_a   161.056
_cell.length_b   161.056
_cell.length_c   88.209
_cell.angle_alpha   90.00
_cell.angle_beta   90.00
_cell.angle_gamma   90.00
#
_symmetry.space_group_name_H-M   'P 41 21 2'
#
loop_
_entity.id
_entity.type
_entity.pdbx_description
1 polymer 'Sly1 Protein'
2 polymer 'Integral Membrane Protein SED5'
3 water water
#
loop_
_entity_poly.entity_id
_entity_poly.type
_entity_poly.pdbx_seq_one_letter_code
_entity_poly.pdbx_strand_id
1 'polypeptide(L)'
;GKSASMAVEEIASRKDISLRD(MSE)QISAILK(MSE)LFLNKDLNNNDNITTITDDIFNQQEIIWKVLILDIKSTATIS
SVLRVNDLLKAGITVHSLIKQDRSPLPDVPAIYFVSPTKENIDIIVNDLKSDKYSEFYINFTSSLPRNLLEDLAQQVSIT
GKSDKIKQVYDQYLDFIVTEPELFSLEISNAYLTLNDPKTTEEEITGLCANIADGLFNTVLTINSIPIIRAAKGGPAEII
AEKLGTKLRDFVINTNSSSTSTLQGNDSLERGVLIILDRNIDFAS(MSE)FSHSWIYQC(MSE)VFDIFKLSRNTVTIPL
ESKENGTDNTTAKPLATKKYDIEPNDFFW(MSE)ENSHLPFPEAAENVEAALNTYKEEAAEITRKTGVTNISDLDPNSNN
DTVQIQEVVKKLPELTAKKNTIDTH(MSE)NIFAALLSQLESKSLDTFFEVEQDPGSTKTRSRFLDILKDGKTNNLEDKL
RSFIVLYLTSTTGLPKDFVQNVENYFKENDYDINALKYVYKLREF(MSE)QLSN(MSE)SLQNKSLEDGSDSAFKPSNLT
LSGIYGLTEGKLQGGVGSLISGIKKLLPEKKTIPITNVVDAI(MSE)DPLNSSQKNLETTDSYLYIDPKITRGSHTRKPK
RQSYNKSLVFVVGGGNYLEYQNLQEWAHSQLHNPKKV(MSE)YGSTAITTPAEFLNEISRLGASNSSNNDA
;
A
2 'polypeptide(L)' GAMAGMNIKDRTSEFQQSVLSYKKRNKNFREQQRERLQEKESENFANNTT B
#
# COMPACT_ATOMS: atom_id res chain seq x y z
N LYS A 15 -17.35 -14.04 4.53
CA LYS A 15 -17.27 -13.46 3.15
C LYS A 15 -17.20 -11.92 3.18
N ASP A 16 -16.07 -11.37 3.63
CA ASP A 16 -15.90 -9.91 3.67
C ASP A 16 -14.81 -9.52 2.68
N ILE A 17 -15.12 -8.51 1.87
CA ILE A 17 -14.23 -8.01 0.83
C ILE A 17 -13.11 -7.06 1.29
N SER A 18 -11.90 -7.33 0.81
CA SER A 18 -10.73 -6.51 1.13
C SER A 18 -10.63 -5.37 0.15
N LEU A 19 -9.77 -4.40 0.45
CA LEU A 19 -9.60 -3.26 -0.45
C LEU A 19 -9.09 -3.75 -1.79
N ARG A 20 -8.22 -4.72 -1.75
CA ARG A 20 -7.68 -5.26 -2.98
C ARG A 20 -8.79 -5.95 -3.80
N ASP A 21 -9.70 -6.63 -3.11
CA ASP A 21 -10.77 -7.32 -3.84
C ASP A 21 -11.62 -6.32 -4.57
N MSE A 22 -11.81 -5.16 -3.95
CA MSE A 22 -12.62 -4.12 -4.55
C MSE A 22 -11.97 -3.52 -5.78
O MSE A 22 -12.66 -3.17 -6.73
CB MSE A 22 -12.91 -3.06 -3.51
CG MSE A 22 -13.79 -3.59 -2.42
SE MSE A 22 -14.17 -2.19 -1.18
CE MSE A 22 -12.93 -2.75 0.19
N GLN A 23 -10.65 -3.37 -5.73
CA GLN A 23 -9.94 -2.83 -6.88
C GLN A 23 -9.92 -3.86 -8.00
N ILE A 24 -9.68 -5.12 -7.63
CA ILE A 24 -9.64 -6.18 -8.62
C ILE A 24 -11.01 -6.28 -9.31
N SER A 25 -12.07 -6.05 -8.54
CA SER A 25 -13.41 -6.13 -9.09
C SER A 25 -13.66 -5.00 -10.08
N ALA A 26 -13.21 -3.79 -9.71
CA ALA A 26 -13.36 -2.61 -10.56
C ALA A 26 -12.56 -2.84 -11.84
N ILE A 27 -11.33 -3.33 -11.68
CA ILE A 27 -10.47 -3.60 -12.82
C ILE A 27 -11.08 -4.67 -13.73
N LEU A 28 -11.66 -5.70 -13.14
CA LEU A 28 -12.27 -6.78 -13.92
C LEU A 28 -13.51 -6.27 -14.66
N LYS A 29 -14.26 -5.42 -14.00
CA LYS A 29 -15.47 -4.90 -14.59
C LYS A 29 -15.11 -4.12 -15.83
N MSE A 30 -13.94 -3.49 -15.81
CA MSE A 30 -13.50 -2.74 -16.96
C MSE A 30 -13.06 -3.65 -18.11
O MSE A 30 -13.26 -3.32 -19.28
CB MSE A 30 -12.34 -1.84 -16.57
CG MSE A 30 -11.70 -1.23 -17.76
SE MSE A 30 -9.97 -0.60 -17.25
CE MSE A 30 -10.51 1.19 -16.75
N LEU A 31 -12.43 -4.78 -17.78
CA LEU A 31 -11.99 -5.70 -18.81
C LEU A 31 -13.20 -6.34 -19.48
N PHE A 32 -14.39 -6.07 -18.93
CA PHE A 32 -15.59 -6.61 -19.53
C PHE A 32 -16.35 -5.51 -20.22
N LEU A 33 -15.61 -4.54 -20.72
CA LEU A 33 -16.15 -3.38 -21.42
C LEU A 33 -17.08 -2.61 -20.50
N ASN A 34 -16.70 -2.57 -19.20
CA ASN A 34 -17.45 -1.88 -18.15
C ASN A 34 -18.89 -2.47 -18.25
N LYS A 35 -19.04 -3.77 -18.61
CA LYS A 35 -20.31 -4.48 -18.71
C LYS A 35 -20.86 -4.29 -17.34
N ASP A 36 -21.97 -5.03 -17.21
CA ASP A 36 -22.87 -5.19 -16.06
C ASP A 36 -23.28 -3.79 -15.51
N LEU A 37 -22.68 -2.75 -16.10
CA LEU A 37 -22.87 -1.34 -15.69
C LEU A 37 -24.16 -0.90 -16.29
N ASN A 38 -24.94 -0.13 -15.52
CA ASN A 38 -26.24 0.34 -15.95
C ASN A 38 -27.29 -0.74 -15.72
N ASN A 39 -26.95 -1.75 -14.90
CA ASN A 39 -27.89 -2.84 -14.61
C ASN A 39 -27.65 -3.62 -13.30
N ASN A 40 -28.39 -4.72 -13.13
CA ASN A 40 -28.33 -5.55 -11.92
C ASN A 40 -27.37 -6.72 -11.91
N ASP A 41 -26.91 -7.04 -10.69
CA ASP A 41 -26.02 -8.16 -10.40
C ASP A 41 -25.06 -7.83 -9.25
N ASN A 42 -25.07 -8.68 -8.23
CA ASN A 42 -24.17 -8.53 -7.10
C ASN A 42 -23.50 -9.87 -6.81
N ILE A 43 -22.44 -10.14 -7.55
CA ILE A 43 -21.64 -11.35 -7.42
C ILE A 43 -20.31 -10.65 -7.28
N THR A 44 -19.25 -11.40 -7.07
CA THR A 44 -17.93 -10.79 -6.95
C THR A 44 -16.90 -11.85 -7.37
N THR A 45 -16.53 -11.77 -8.65
CA THR A 45 -15.62 -12.68 -9.35
C THR A 45 -16.48 -13.75 -10.04
N ILE A 46 -16.90 -13.38 -11.24
CA ILE A 46 -17.77 -14.14 -12.15
C ILE A 46 -17.57 -15.65 -12.28
N THR A 47 -18.62 -16.42 -11.99
CA THR A 47 -18.54 -17.88 -12.14
C THR A 47 -18.45 -18.14 -13.65
N ASP A 48 -17.82 -19.25 -14.05
CA ASP A 48 -17.65 -19.59 -15.48
C ASP A 48 -18.94 -19.86 -16.25
N ASP A 49 -19.92 -20.47 -15.59
CA ASP A 49 -21.20 -20.77 -16.23
C ASP A 49 -21.90 -19.52 -16.73
N ILE A 50 -21.64 -18.39 -16.06
CA ILE A 50 -22.22 -17.09 -16.40
C ILE A 50 -21.38 -16.43 -17.51
N PHE A 51 -20.06 -16.60 -17.42
CA PHE A 51 -19.18 -16.04 -18.43
C PHE A 51 -19.69 -16.59 -19.76
N ASN A 52 -20.18 -17.84 -19.72
CA ASN A 52 -20.72 -18.52 -20.89
C ASN A 52 -22.12 -18.01 -21.22
N GLN A 53 -22.66 -17.17 -20.35
CA GLN A 53 -24.00 -16.62 -20.56
C GLN A 53 -23.93 -15.46 -21.56
N GLN A 54 -22.89 -14.64 -21.46
CA GLN A 54 -22.71 -13.53 -22.39
C GLN A 54 -21.80 -13.99 -23.55
N GLU A 55 -21.02 -15.05 -23.31
CA GLU A 55 -20.08 -15.58 -24.32
C GLU A 55 -19.12 -14.45 -24.70
N ILE A 56 -17.95 -14.44 -24.07
CA ILE A 56 -17.03 -13.36 -24.37
C ILE A 56 -15.93 -13.64 -25.40
N ILE A 57 -15.57 -12.55 -26.07
CA ILE A 57 -14.58 -12.49 -27.13
C ILE A 57 -13.27 -11.83 -26.71
N TRP A 58 -12.19 -12.32 -27.31
CA TRP A 58 -10.85 -11.82 -27.06
C TRP A 58 -10.65 -10.36 -27.41
N LYS A 59 -9.92 -9.65 -26.55
CA LYS A 59 -9.63 -8.26 -26.76
C LYS A 59 -8.16 -7.93 -26.48
N VAL A 60 -7.69 -6.85 -27.08
CA VAL A 60 -6.32 -6.37 -26.87
C VAL A 60 -6.42 -5.48 -25.65
N LEU A 61 -5.39 -5.43 -24.82
CA LEU A 61 -5.46 -4.57 -23.64
C LEU A 61 -4.25 -3.67 -23.70
N ILE A 62 -4.46 -2.37 -23.84
CA ILE A 62 -3.30 -1.47 -23.89
C ILE A 62 -3.10 -0.77 -22.55
N LEU A 63 -1.92 -0.95 -21.96
CA LEU A 63 -1.61 -0.31 -20.68
C LEU A 63 -0.47 0.64 -20.94
N ASP A 64 -0.06 1.35 -19.89
CA ASP A 64 1.06 2.25 -19.98
C ASP A 64 1.88 1.96 -18.74
N ILE A 65 3.11 2.46 -18.69
CA ILE A 65 3.95 2.20 -17.55
C ILE A 65 3.23 2.24 -16.20
N LYS A 66 2.66 3.40 -15.86
CA LYS A 66 1.98 3.52 -14.58
C LYS A 66 0.81 2.56 -14.40
N SER A 67 -0.01 2.39 -15.42
CA SER A 67 -1.16 1.51 -15.27
C SER A 67 -0.77 0.03 -15.18
N THR A 68 0.31 -0.37 -15.85
CA THR A 68 0.73 -1.76 -15.77
C THR A 68 1.09 -2.07 -14.32
N ALA A 69 1.73 -1.12 -13.67
CA ALA A 69 2.12 -1.28 -12.27
C ALA A 69 0.89 -1.49 -11.39
N THR A 70 -0.25 -0.97 -11.80
CA THR A 70 -1.48 -1.11 -11.03
C THR A 70 -2.12 -2.49 -11.23
N ILE A 71 -2.07 -3.00 -12.44
CA ILE A 71 -2.66 -4.30 -12.75
C ILE A 71 -1.82 -5.47 -12.25
N SER A 72 -0.55 -5.48 -12.64
CA SER A 72 0.37 -6.53 -12.27
C SER A 72 0.48 -6.70 -10.76
N SER A 73 -0.16 -5.83 -9.99
CA SER A 73 -0.10 -5.94 -8.53
C SER A 73 -1.23 -6.78 -7.97
N VAL A 74 -2.34 -6.82 -8.69
CA VAL A 74 -3.49 -7.56 -8.24
C VAL A 74 -3.96 -8.66 -9.17
N LEU A 75 -3.46 -8.67 -10.41
CA LEU A 75 -3.86 -9.71 -11.37
C LEU A 75 -2.70 -10.45 -12.03
N ARG A 76 -2.86 -11.75 -12.23
CA ARG A 76 -1.83 -12.56 -12.87
C ARG A 76 -2.21 -12.72 -14.35
N VAL A 77 -1.26 -13.06 -15.20
CA VAL A 77 -1.55 -13.20 -16.62
C VAL A 77 -2.69 -14.15 -16.90
N ASN A 78 -2.77 -15.21 -16.09
CA ASN A 78 -3.83 -16.20 -16.25
C ASN A 78 -5.19 -15.57 -15.97
N ASP A 79 -5.22 -14.60 -15.06
CA ASP A 79 -6.47 -13.92 -14.75
C ASP A 79 -6.95 -13.12 -15.95
N LEU A 80 -5.99 -12.46 -16.63
CA LEU A 80 -6.28 -11.66 -17.82
C LEU A 80 -6.91 -12.49 -18.94
N LEU A 81 -6.30 -13.62 -19.31
CA LEU A 81 -6.86 -14.52 -20.33
C LEU A 81 -8.29 -14.91 -19.93
N LYS A 82 -8.40 -15.40 -18.70
CA LYS A 82 -9.67 -15.81 -18.12
C LYS A 82 -10.75 -14.72 -18.27
N ALA A 83 -10.32 -13.46 -18.46
CA ALA A 83 -11.21 -12.29 -18.63
C ALA A 83 -11.41 -11.92 -20.11
N GLY A 84 -10.71 -12.64 -20.98
CA GLY A 84 -10.83 -12.39 -22.41
C GLY A 84 -9.74 -11.51 -22.97
N ILE A 85 -8.66 -11.31 -22.22
CA ILE A 85 -7.59 -10.48 -22.75
C ILE A 85 -6.54 -11.35 -23.43
N THR A 86 -6.42 -11.21 -24.76
CA THR A 86 -5.46 -12.01 -25.53
C THR A 86 -4.06 -11.49 -25.36
N VAL A 87 -3.90 -10.21 -25.61
CA VAL A 87 -2.61 -9.60 -25.53
C VAL A 87 -2.68 -8.30 -24.75
N HIS A 88 -1.56 -7.89 -24.20
CA HIS A 88 -1.50 -6.60 -23.52
C HIS A 88 -0.14 -6.03 -23.87
N SER A 89 -0.11 -4.75 -24.18
CA SER A 89 1.13 -4.06 -24.57
C SER A 89 1.04 -2.60 -24.16
N LEU A 90 2.19 -1.95 -24.04
CA LEU A 90 2.21 -0.54 -23.67
C LEU A 90 1.82 0.40 -24.83
N ILE A 91 1.20 1.54 -24.52
CA ILE A 91 0.80 2.49 -25.56
C ILE A 91 2.01 2.90 -26.40
N LYS A 92 3.15 3.11 -25.76
CA LYS A 92 4.33 3.53 -26.49
C LYS A 92 5.08 2.53 -27.38
N GLN A 93 4.85 1.22 -27.21
CA GLN A 93 5.55 0.21 -28.03
C GLN A 93 5.06 0.24 -29.48
N ASP A 94 5.79 -0.43 -30.36
CA ASP A 94 5.36 -0.52 -31.75
C ASP A 94 4.42 -1.71 -31.72
N ARG A 95 3.13 -1.47 -31.84
CA ARG A 95 2.19 -2.58 -31.79
C ARG A 95 1.60 -2.96 -33.13
N SER A 96 1.83 -4.21 -33.51
CA SER A 96 1.34 -4.76 -34.76
C SER A 96 -0.19 -4.73 -34.78
N PRO A 97 -0.78 -4.25 -35.90
CA PRO A 97 -2.24 -4.15 -36.07
C PRO A 97 -3.06 -5.41 -35.83
N LEU A 98 -4.30 -5.20 -35.41
CA LEU A 98 -5.28 -6.26 -35.16
C LEU A 98 -6.61 -5.61 -35.49
N PRO A 99 -6.77 -5.15 -36.74
CA PRO A 99 -7.97 -4.48 -37.23
C PRO A 99 -9.30 -5.10 -36.89
N ASP A 100 -9.33 -6.40 -36.65
CA ASP A 100 -10.60 -7.03 -36.36
C ASP A 100 -10.79 -7.44 -34.90
N VAL A 101 -9.90 -6.96 -34.05
CA VAL A 101 -9.98 -7.26 -32.64
C VAL A 101 -10.29 -5.99 -31.80
N PRO A 102 -11.09 -6.13 -30.72
CA PRO A 102 -11.43 -4.97 -29.88
C PRO A 102 -10.23 -4.53 -29.05
N ALA A 103 -10.25 -3.28 -28.61
CA ALA A 103 -9.15 -2.80 -27.80
C ALA A 103 -9.65 -2.02 -26.58
N ILE A 104 -9.07 -2.32 -25.41
CA ILE A 104 -9.44 -1.66 -24.17
C ILE A 104 -8.18 -0.94 -23.73
N TYR A 105 -8.22 0.38 -23.72
CA TYR A 105 -7.05 1.13 -23.27
C TYR A 105 -7.27 1.47 -21.81
N PHE A 106 -6.26 1.24 -20.99
CA PHE A 106 -6.38 1.58 -19.59
C PHE A 106 -5.08 2.31 -19.44
N VAL A 107 -5.14 3.62 -19.63
CA VAL A 107 -3.97 4.47 -19.64
C VAL A 107 -4.10 5.78 -18.86
N SER A 108 -2.97 6.41 -18.55
CA SER A 108 -2.93 7.69 -17.81
C SER A 108 -3.51 8.83 -18.65
N PRO A 109 -4.22 9.79 -18.02
CA PRO A 109 -4.84 10.95 -18.68
C PRO A 109 -3.76 11.95 -19.13
N THR A 110 -3.04 11.62 -20.18
CA THR A 110 -1.97 12.50 -20.63
C THR A 110 -2.07 12.88 -22.08
N LYS A 111 -1.56 14.06 -22.41
CA LYS A 111 -1.55 14.54 -23.79
C LYS A 111 -0.90 13.46 -24.66
N GLU A 112 0.25 12.97 -24.20
CA GLU A 112 1.00 11.95 -24.91
C GLU A 112 0.14 10.75 -25.30
N ASN A 113 -0.52 10.16 -24.31
CA ASN A 113 -1.37 8.99 -24.54
C ASN A 113 -2.53 9.28 -25.45
N ILE A 114 -3.24 10.35 -25.15
CA ILE A 114 -4.38 10.74 -25.96
C ILE A 114 -3.99 10.80 -27.44
N ASP A 115 -2.87 11.47 -27.70
CA ASP A 115 -2.36 11.60 -29.06
C ASP A 115 -2.25 10.25 -29.72
N ILE A 116 -1.61 9.32 -29.01
CA ILE A 116 -1.45 7.95 -29.53
C ILE A 116 -2.77 7.21 -29.75
N ILE A 117 -3.77 7.47 -28.90
CA ILE A 117 -5.06 6.82 -29.07
C ILE A 117 -5.57 7.35 -30.39
N VAL A 118 -5.43 8.67 -30.59
CA VAL A 118 -5.89 9.29 -31.85
C VAL A 118 -5.11 8.73 -33.04
N ASN A 119 -3.83 8.50 -32.86
CA ASN A 119 -3.05 7.92 -33.93
C ASN A 119 -3.46 6.48 -34.22
N ASP A 120 -3.72 5.70 -33.17
CA ASP A 120 -4.13 4.32 -33.36
C ASP A 120 -5.52 4.30 -33.92
N LEU A 121 -6.35 5.25 -33.50
CA LEU A 121 -7.72 5.33 -33.99
C LEU A 121 -7.72 5.50 -35.51
N LYS A 122 -6.89 6.43 -36.00
CA LYS A 122 -6.76 6.72 -37.44
C LYS A 122 -6.17 5.49 -38.12
N SER A 123 -4.96 5.15 -37.71
CA SER A 123 -4.24 3.97 -38.18
C SER A 123 -5.11 2.74 -38.39
N ASP A 124 -6.22 2.64 -37.65
CA ASP A 124 -7.14 1.50 -37.71
C ASP A 124 -6.50 0.28 -37.10
N LYS A 125 -5.73 0.50 -36.04
CA LYS A 125 -5.04 -0.59 -35.38
C LYS A 125 -5.96 -1.64 -34.78
N TYR A 126 -7.16 -1.23 -34.36
CA TYR A 126 -8.13 -2.16 -33.77
C TYR A 126 -9.55 -1.87 -34.28
N SER A 127 -10.40 -2.88 -34.19
CA SER A 127 -11.79 -2.79 -34.64
C SER A 127 -12.64 -1.82 -33.79
N GLU A 128 -12.27 -1.64 -32.53
CA GLU A 128 -13.01 -0.75 -31.63
C GLU A 128 -12.09 -0.23 -30.56
N PHE A 129 -12.57 0.78 -29.85
CA PHE A 129 -11.78 1.36 -28.78
C PHE A 129 -12.64 1.55 -27.56
N TYR A 130 -12.09 1.15 -26.42
CA TYR A 130 -12.73 1.29 -25.12
C TYR A 130 -11.69 2.04 -24.28
N ILE A 131 -11.79 3.36 -24.32
CA ILE A 131 -10.83 4.19 -23.63
C ILE A 131 -11.14 4.29 -22.16
N ASN A 132 -10.19 3.85 -21.35
CA ASN A 132 -10.37 3.86 -19.92
C ASN A 132 -9.21 4.58 -19.27
N PHE A 133 -9.48 5.71 -18.62
CA PHE A 133 -8.41 6.43 -17.98
C PHE A 133 -8.15 6.03 -16.55
N THR A 134 -6.86 5.87 -16.27
CA THR A 134 -6.36 5.46 -14.97
C THR A 134 -6.95 6.31 -13.82
N SER A 135 -6.84 7.62 -13.89
CA SER A 135 -7.39 8.47 -12.83
C SER A 135 -8.63 9.14 -13.37
N SER A 136 -8.48 10.36 -13.88
CA SER A 136 -9.62 11.04 -14.44
C SER A 136 -9.15 12.01 -15.51
N LEU A 137 -9.79 11.96 -16.67
CA LEU A 137 -9.44 12.83 -17.80
C LEU A 137 -10.03 14.21 -17.59
N PRO A 138 -9.20 15.26 -17.69
CA PRO A 138 -9.64 16.66 -17.53
C PRO A 138 -10.41 17.16 -18.76
N ARG A 139 -11.41 18.04 -18.58
CA ARG A 139 -12.17 18.55 -19.74
C ARG A 139 -11.16 19.00 -20.76
N ASN A 140 -10.13 19.65 -20.24
CA ASN A 140 -9.03 20.17 -21.02
C ASN A 140 -8.65 19.17 -22.11
N LEU A 141 -8.36 17.95 -21.69
CA LEU A 141 -7.97 16.89 -22.63
C LEU A 141 -9.10 16.15 -23.32
N LEU A 142 -10.28 16.15 -22.71
CA LEU A 142 -11.45 15.49 -23.30
C LEU A 142 -11.76 16.21 -24.62
N GLU A 143 -11.79 17.54 -24.55
CA GLU A 143 -12.04 18.41 -25.70
C GLU A 143 -10.95 18.20 -26.73
N ASP A 144 -9.71 18.11 -26.25
CA ASP A 144 -8.56 17.88 -27.11
C ASP A 144 -8.85 16.63 -27.94
N LEU A 145 -8.85 15.48 -27.28
CA LEU A 145 -9.10 14.18 -27.90
C LEU A 145 -10.32 14.24 -28.81
N ALA A 146 -11.37 14.94 -28.35
CA ALA A 146 -12.58 15.08 -29.14
C ALA A 146 -12.31 15.80 -30.46
N GLN A 147 -11.72 17.00 -30.40
CA GLN A 147 -11.39 17.79 -31.60
C GLN A 147 -10.62 16.96 -32.61
N GLN A 148 -9.54 16.32 -32.16
CA GLN A 148 -8.75 15.48 -33.05
C GLN A 148 -9.61 14.39 -33.70
N VAL A 149 -10.36 13.67 -32.88
CA VAL A 149 -11.19 12.59 -33.37
C VAL A 149 -12.26 13.09 -34.35
N SER A 150 -12.75 14.32 -34.12
CA SER A 150 -13.81 14.90 -34.96
C SER A 150 -13.49 14.93 -36.44
N ILE A 151 -12.24 15.30 -36.76
CA ILE A 151 -11.76 15.41 -38.13
C ILE A 151 -11.36 14.08 -38.73
N THR A 152 -11.67 13.01 -38.02
CA THR A 152 -11.43 11.64 -38.46
C THR A 152 -12.83 11.21 -38.87
N GLY A 153 -12.94 10.30 -39.83
CA GLY A 153 -14.27 9.87 -40.19
C GLY A 153 -14.60 8.68 -39.31
N LYS A 154 -13.79 8.50 -38.27
CA LYS A 154 -13.93 7.34 -37.39
C LYS A 154 -14.32 7.54 -35.92
N SER A 155 -14.90 8.70 -35.58
CA SER A 155 -15.30 8.95 -34.18
C SER A 155 -16.24 7.83 -33.72
N ASP A 156 -16.92 7.23 -34.69
CA ASP A 156 -17.85 6.14 -34.44
C ASP A 156 -17.21 4.86 -33.82
N LYS A 157 -15.90 4.67 -34.00
CA LYS A 157 -15.23 3.48 -33.48
C LYS A 157 -14.90 3.50 -31.99
N ILE A 158 -14.97 4.67 -31.37
CA ILE A 158 -14.70 4.81 -29.95
C ILE A 158 -16.01 4.52 -29.23
N LYS A 159 -16.14 3.29 -28.73
CA LYS A 159 -17.34 2.83 -28.05
C LYS A 159 -17.54 3.42 -26.64
N GLN A 160 -16.45 3.74 -25.94
CA GLN A 160 -16.64 4.35 -24.64
C GLN A 160 -15.38 4.92 -24.04
N VAL A 161 -15.53 6.01 -23.31
CA VAL A 161 -14.41 6.64 -22.64
C VAL A 161 -14.83 6.79 -21.18
N TYR A 162 -14.04 6.21 -20.27
CA TYR A 162 -14.32 6.20 -18.84
C TYR A 162 -13.17 6.65 -17.96
N ASP A 163 -13.50 7.41 -16.91
CA ASP A 163 -12.53 7.80 -15.90
C ASP A 163 -12.76 6.68 -14.88
N GLN A 164 -11.77 5.85 -14.67
CA GLN A 164 -11.95 4.71 -13.81
C GLN A 164 -11.65 4.88 -12.31
N TYR A 165 -10.92 5.95 -11.97
CA TYR A 165 -10.51 6.24 -10.58
C TYR A 165 -9.86 5.05 -9.89
N LEU A 166 -8.77 4.56 -10.47
CA LEU A 166 -8.03 3.45 -9.91
C LEU A 166 -6.57 3.84 -9.85
N ASP A 167 -6.33 5.09 -9.48
CA ASP A 167 -4.97 5.61 -9.41
C ASP A 167 -4.23 5.32 -8.12
N PHE A 168 -3.95 4.06 -7.86
CA PHE A 168 -3.22 3.62 -6.68
C PHE A 168 -2.90 2.15 -6.78
N ILE A 169 -1.93 1.70 -6.00
CA ILE A 169 -1.54 0.31 -6.00
C ILE A 169 -1.94 -0.35 -4.69
N VAL A 170 -2.54 -1.54 -4.78
CA VAL A 170 -2.91 -2.25 -3.57
C VAL A 170 -1.96 -3.42 -3.42
N THR A 171 -0.96 -3.24 -2.55
CA THR A 171 0.07 -4.25 -2.26
C THR A 171 -0.45 -5.53 -1.58
N GLU A 172 -0.91 -5.38 -0.33
CA GLU A 172 -1.45 -6.49 0.44
C GLU A 172 -2.96 -6.22 0.45
N PRO A 173 -3.77 -7.15 1.01
CA PRO A 173 -5.23 -6.99 1.06
C PRO A 173 -5.79 -5.65 1.50
N GLU A 174 -5.07 -4.96 2.40
CA GLU A 174 -5.55 -3.68 2.90
C GLU A 174 -4.47 -2.57 2.95
N LEU A 175 -3.40 -2.80 2.20
CA LEU A 175 -2.29 -1.85 2.12
C LEU A 175 -2.33 -1.22 0.75
N PHE A 176 -2.32 0.10 0.68
CA PHE A 176 -2.31 0.78 -0.60
C PHE A 176 -1.29 1.90 -0.63
N SER A 177 -0.86 2.27 -1.82
CA SER A 177 0.12 3.32 -1.96
C SER A 177 -0.20 4.24 -3.12
N LEU A 178 0.11 5.52 -2.97
CA LEU A 178 -0.15 6.46 -4.06
C LEU A 178 1.10 6.50 -4.94
N GLU A 179 2.09 5.70 -4.60
CA GLU A 179 3.31 5.66 -5.38
C GLU A 179 3.93 7.04 -5.56
N ILE A 180 3.79 7.90 -4.55
CA ILE A 180 4.36 9.25 -4.58
C ILE A 180 5.57 9.24 -3.65
N SER A 181 6.68 8.73 -4.17
CA SER A 181 7.95 8.61 -3.42
C SER A 181 8.55 9.93 -2.94
N ASN A 182 9.32 9.83 -1.85
CA ASN A 182 9.96 11.00 -1.25
C ASN A 182 8.96 12.12 -1.02
N ALA A 183 8.05 11.92 -0.09
CA ALA A 183 7.05 12.93 0.21
C ALA A 183 7.42 13.69 1.47
N TYR A 184 7.93 12.96 2.46
CA TYR A 184 8.31 13.60 3.70
C TYR A 184 9.33 14.68 3.42
N LEU A 185 10.25 14.37 2.50
CA LEU A 185 11.30 15.29 2.09
C LEU A 185 10.67 16.48 1.38
N THR A 186 10.04 16.22 0.25
CA THR A 186 9.41 17.29 -0.51
C THR A 186 8.61 18.24 0.34
N LEU A 187 7.89 17.69 1.33
CA LEU A 187 7.03 18.50 2.20
C LEU A 187 7.72 19.29 3.30
N ASN A 188 8.88 18.84 3.74
CA ASN A 188 9.58 19.54 4.80
C ASN A 188 10.88 20.21 4.36
N ASP A 189 11.30 19.99 3.11
CA ASP A 189 12.51 20.62 2.59
C ASP A 189 12.21 22.12 2.50
N PRO A 190 13.04 22.95 3.16
CA PRO A 190 12.86 24.41 3.17
C PRO A 190 12.93 24.95 1.74
N LYS A 191 13.70 24.26 0.91
CA LYS A 191 13.87 24.64 -0.49
C LYS A 191 12.53 24.63 -1.22
N THR A 192 11.84 23.51 -1.15
CA THR A 192 10.53 23.34 -1.80
C THR A 192 9.65 24.60 -1.83
N THR A 193 9.10 24.89 -3.02
CA THR A 193 8.25 26.05 -3.25
C THR A 193 7.00 25.97 -2.38
N GLU A 194 6.27 27.08 -2.32
CA GLU A 194 5.01 27.12 -1.58
C GLU A 194 3.97 26.71 -2.63
N GLU A 195 4.47 26.43 -3.83
CA GLU A 195 3.63 26.02 -4.96
C GLU A 195 3.77 24.51 -5.15
N GLU A 196 5.01 24.03 -5.09
CA GLU A 196 5.29 22.60 -5.23
C GLU A 196 4.49 21.86 -4.17
N ILE A 197 4.46 22.43 -2.97
CA ILE A 197 3.73 21.85 -1.85
C ILE A 197 2.25 21.76 -2.15
N THR A 198 1.64 22.87 -2.54
CA THR A 198 0.23 22.85 -2.84
C THR A 198 -0.11 21.81 -3.92
N GLY A 199 0.76 21.73 -4.93
CA GLY A 199 0.56 20.77 -6.01
C GLY A 199 0.63 19.34 -5.52
N LEU A 200 1.59 19.07 -4.65
CA LEU A 200 1.77 17.74 -4.06
C LEU A 200 0.50 17.38 -3.30
N CYS A 201 0.12 18.24 -2.35
CA CYS A 201 -1.08 18.00 -1.58
C CYS A 201 -2.26 17.70 -2.48
N ALA A 202 -2.41 18.50 -3.54
CA ALA A 202 -3.49 18.30 -4.48
C ALA A 202 -3.47 16.88 -5.06
N ASN A 203 -2.30 16.33 -5.36
CA ASN A 203 -2.21 14.98 -5.91
C ASN A 203 -2.59 13.94 -4.88
N ILE A 204 -2.04 14.08 -3.67
CA ILE A 204 -2.37 13.15 -2.59
C ILE A 204 -3.90 13.19 -2.39
N ALA A 205 -4.47 14.39 -2.36
CA ALA A 205 -5.91 14.57 -2.20
C ALA A 205 -6.65 13.74 -3.25
N ASP A 206 -6.10 13.70 -4.46
CA ASP A 206 -6.69 12.94 -5.58
C ASP A 206 -6.55 11.42 -5.37
N GLY A 207 -5.37 10.99 -4.92
CA GLY A 207 -5.12 9.59 -4.68
C GLY A 207 -6.19 9.12 -3.73
N LEU A 208 -6.28 9.80 -2.58
CA LEU A 208 -7.28 9.43 -1.60
C LEU A 208 -8.63 9.37 -2.27
N PHE A 209 -9.02 10.47 -2.90
CA PHE A 209 -10.31 10.51 -3.58
C PHE A 209 -10.50 9.28 -4.43
N ASN A 210 -9.45 8.90 -5.16
CA ASN A 210 -9.49 7.72 -6.02
C ASN A 210 -9.81 6.46 -5.24
N THR A 211 -9.24 6.37 -4.03
CA THR A 211 -9.48 5.26 -3.12
C THR A 211 -10.93 5.32 -2.62
N VAL A 212 -11.27 6.41 -1.96
CA VAL A 212 -12.62 6.60 -1.46
C VAL A 212 -13.74 6.17 -2.45
N LEU A 213 -13.63 6.59 -3.70
CA LEU A 213 -14.64 6.24 -4.70
C LEU A 213 -14.68 4.73 -4.93
N THR A 214 -13.53 4.08 -4.81
CA THR A 214 -13.46 2.62 -4.99
C THR A 214 -14.25 1.92 -3.88
N ILE A 215 -14.14 2.47 -2.67
CA ILE A 215 -14.82 1.96 -1.47
C ILE A 215 -16.33 2.14 -1.58
N ASN A 216 -16.74 3.15 -2.36
CA ASN A 216 -18.16 3.47 -2.54
C ASN A 216 -18.81 3.81 -1.21
N SER A 217 -18.13 4.68 -0.47
CA SER A 217 -18.56 5.14 0.83
C SER A 217 -17.99 6.56 1.02
N ILE A 218 -18.84 7.53 1.37
CA ILE A 218 -18.35 8.89 1.60
C ILE A 218 -18.10 9.00 3.09
N PRO A 219 -16.83 8.81 3.51
CA PRO A 219 -16.41 8.84 4.92
C PRO A 219 -16.33 10.21 5.59
N ILE A 220 -16.16 10.18 6.90
CA ILE A 220 -15.97 11.41 7.65
C ILE A 220 -14.45 11.56 7.64
N ILE A 221 -13.97 12.75 7.33
CA ILE A 221 -12.53 12.95 7.29
C ILE A 221 -12.09 13.43 8.67
N ARG A 222 -11.04 12.81 9.21
CA ARG A 222 -10.50 13.21 10.51
C ARG A 222 -9.03 13.32 10.27
N ALA A 223 -8.44 14.43 10.70
CA ALA A 223 -7.01 14.61 10.46
C ALA A 223 -6.33 15.49 11.50
N ALA A 224 -5.06 15.19 11.75
CA ALA A 224 -4.29 15.98 12.70
C ALA A 224 -4.09 17.39 12.10
N LYS A 225 -4.35 18.41 12.90
CA LYS A 225 -4.20 19.80 12.45
C LYS A 225 -2.76 20.30 12.42
N GLY A 226 -2.55 21.42 11.73
CA GLY A 226 -1.23 22.03 11.65
C GLY A 226 -0.39 21.80 10.40
N GLY A 227 -0.24 20.54 9.99
CA GLY A 227 0.57 20.26 8.81
C GLY A 227 -0.16 19.80 7.56
N PRO A 228 0.59 19.13 6.64
CA PRO A 228 0.12 18.59 5.36
C PRO A 228 -1.21 17.85 5.48
N ALA A 229 -1.27 16.87 6.38
CA ALA A 229 -2.47 16.07 6.60
C ALA A 229 -3.73 16.91 6.64
N GLU A 230 -3.66 18.09 7.26
CA GLU A 230 -4.83 18.97 7.31
C GLU A 230 -5.18 19.51 5.91
N ILE A 231 -4.19 20.10 5.24
CA ILE A 231 -4.36 20.64 3.89
C ILE A 231 -5.04 19.61 3.03
N ILE A 232 -4.45 18.43 3.00
CA ILE A 232 -4.96 17.30 2.22
C ILE A 232 -6.37 16.95 2.69
N ALA A 233 -6.61 17.04 4.00
CA ALA A 233 -7.92 16.71 4.52
C ALA A 233 -8.94 17.71 4.02
N GLU A 234 -8.63 19.00 4.13
CA GLU A 234 -9.56 20.02 3.70
C GLU A 234 -9.72 19.97 2.19
N LYS A 235 -8.65 19.61 1.47
CA LYS A 235 -8.69 19.51 0.01
C LYS A 235 -9.66 18.37 -0.35
N LEU A 236 -9.41 17.20 0.20
CA LEU A 236 -10.27 16.04 -0.02
C LEU A 236 -11.70 16.31 0.48
N GLY A 237 -11.84 17.19 1.48
CA GLY A 237 -13.14 17.51 2.04
C GLY A 237 -13.98 18.22 0.99
N THR A 238 -13.34 19.20 0.36
CA THR A 238 -13.95 19.98 -0.70
C THR A 238 -14.30 19.12 -1.93
N LYS A 239 -13.40 18.21 -2.28
CA LYS A 239 -13.62 17.34 -3.43
C LYS A 239 -14.85 16.47 -3.22
N LEU A 240 -14.87 15.81 -2.06
CA LEU A 240 -15.96 14.93 -1.66
C LEU A 240 -17.25 15.71 -1.44
N ARG A 241 -17.14 16.96 -1.02
CA ARG A 241 -18.32 17.77 -0.81
C ARG A 241 -19.01 17.99 -2.16
N ASP A 242 -18.29 18.49 -3.15
CA ASP A 242 -18.86 18.72 -4.49
C ASP A 242 -19.43 17.43 -5.08
N PHE A 243 -18.69 16.34 -4.92
CA PHE A 243 -19.17 15.06 -5.42
C PHE A 243 -20.57 14.73 -4.88
N VAL A 244 -20.81 15.03 -3.61
CA VAL A 244 -22.11 14.74 -2.99
C VAL A 244 -23.18 15.69 -3.53
N ILE A 245 -22.77 16.91 -3.83
CA ILE A 245 -23.68 17.92 -4.37
C ILE A 245 -24.08 17.55 -5.80
N ASN A 246 -23.08 17.49 -6.69
CA ASN A 246 -23.28 17.15 -8.08
C ASN A 246 -23.81 15.74 -8.25
N THR A 247 -24.80 15.41 -7.44
CA THR A 247 -25.48 14.12 -7.43
C THR A 247 -26.97 14.46 -7.34
N ASN A 248 -27.34 15.16 -6.27
CA ASN A 248 -28.72 15.57 -6.05
C ASN A 248 -28.85 17.05 -5.69
N SER A 249 -29.81 17.73 -6.33
CA SER A 249 -30.12 19.14 -6.13
C SER A 249 -30.94 19.71 -7.29
N GLU A 262 -22.84 0.87 9.32
CA GLU A 262 -23.04 2.28 9.61
C GLU A 262 -22.36 3.13 8.53
N ARG A 263 -21.49 4.03 8.98
CA ARG A 263 -20.75 4.88 8.09
C ARG A 263 -19.26 4.65 8.29
N GLY A 264 -18.46 5.19 7.36
CA GLY A 264 -17.02 5.00 7.44
C GLY A 264 -16.27 6.27 7.77
N VAL A 265 -15.03 6.09 8.23
CA VAL A 265 -14.18 7.22 8.58
C VAL A 265 -12.82 7.13 7.85
N LEU A 266 -12.30 8.29 7.46
CA LEU A 266 -11.00 8.35 6.79
C LEU A 266 -10.11 9.23 7.69
N ILE A 267 -9.09 8.63 8.28
CA ILE A 267 -8.19 9.34 9.18
C ILE A 267 -6.89 9.67 8.46
N ILE A 268 -6.63 10.96 8.28
CA ILE A 268 -5.41 11.44 7.61
C ILE A 268 -4.38 11.96 8.62
N LEU A 269 -3.25 11.26 8.73
CA LEU A 269 -2.21 11.65 9.67
C LEU A 269 -0.89 12.09 9.03
N ASP A 270 -0.13 12.85 9.78
CA ASP A 270 1.20 13.30 9.36
C ASP A 270 2.21 12.25 9.85
N ARG A 271 3.18 11.91 9.02
CA ARG A 271 4.19 10.91 9.40
C ARG A 271 4.92 11.31 10.69
N ASN A 272 4.80 12.59 11.04
CA ASN A 272 5.41 13.15 12.25
C ASN A 272 4.90 12.47 13.51
N ILE A 273 3.73 11.84 13.40
CA ILE A 273 3.10 11.16 14.53
C ILE A 273 3.91 10.03 15.14
N ASP A 274 4.88 9.49 14.41
CA ASP A 274 5.64 8.37 14.94
C ASP A 274 6.78 7.92 14.04
N PHE A 275 7.94 8.57 14.16
CA PHE A 275 9.09 8.17 13.34
C PHE A 275 9.74 6.89 13.84
N ALA A 276 9.77 6.67 15.16
CA ALA A 276 10.39 5.46 15.69
C ALA A 276 10.02 4.24 14.85
N SER A 277 8.74 4.13 14.48
CA SER A 277 8.27 2.99 13.68
C SER A 277 8.80 2.88 12.27
N MSE A 278 9.34 3.98 11.74
CA MSE A 278 9.89 3.94 10.39
C MSE A 278 11.25 3.25 10.41
O MSE A 278 11.72 2.79 9.38
CB MSE A 278 10.06 5.36 9.82
CG MSE A 278 8.77 6.11 9.48
SE MSE A 278 7.55 5.20 8.26
CE MSE A 278 8.68 5.05 6.67
N PHE A 279 11.88 3.15 11.59
CA PHE A 279 13.18 2.50 11.68
C PHE A 279 13.18 1.18 12.44
N SER A 280 12.27 1.03 13.38
CA SER A 280 12.19 -0.19 14.19
C SER A 280 12.43 -1.53 13.50
N HIS A 281 12.66 -2.55 14.30
CA HIS A 281 12.90 -3.91 13.81
C HIS A 281 11.70 -4.73 14.24
N SER A 282 11.36 -5.77 13.49
CA SER A 282 10.20 -6.59 13.85
C SER A 282 10.43 -8.08 13.66
N TRP A 283 9.65 -8.89 14.38
CA TRP A 283 9.74 -10.35 14.33
C TRP A 283 8.66 -11.00 13.48
N ILE A 284 7.69 -10.23 13.00
CA ILE A 284 6.64 -10.82 12.19
C ILE A 284 7.07 -10.98 10.74
N TYR A 285 6.79 -12.16 10.21
CA TYR A 285 7.15 -12.57 8.87
C TYR A 285 7.17 -11.49 7.78
N GLN A 286 6.06 -10.78 7.57
CA GLN A 286 6.03 -9.74 6.54
C GLN A 286 7.20 -8.79 6.69
N CYS A 287 7.10 -7.97 7.74
CA CYS A 287 8.08 -6.95 8.11
C CYS A 287 9.51 -7.32 7.84
N MSE A 288 9.91 -8.53 8.25
CA MSE A 288 11.27 -8.98 8.02
C MSE A 288 11.51 -9.03 6.54
O MSE A 288 12.44 -8.43 6.04
CB MSE A 288 11.49 -10.35 8.62
CG MSE A 288 11.57 -10.30 10.11
SE MSE A 288 12.03 -12.01 10.87
CE MSE A 288 10.25 -12.66 11.21
N VAL A 289 10.64 -9.77 5.84
CA VAL A 289 10.76 -9.88 4.39
C VAL A 289 10.80 -8.49 3.76
N PHE A 290 9.88 -7.63 4.17
CA PHE A 290 9.83 -6.26 3.66
C PHE A 290 11.12 -5.51 3.99
N ASP A 291 11.59 -5.72 5.22
CA ASP A 291 12.79 -5.09 5.72
C ASP A 291 14.06 -5.62 5.07
N ILE A 292 14.46 -6.83 5.49
CA ILE A 292 15.68 -7.49 5.01
C ILE A 292 15.76 -7.89 3.53
N PHE A 293 14.61 -8.12 2.90
CA PHE A 293 14.57 -8.50 1.48
C PHE A 293 13.65 -7.55 0.70
N LYS A 294 14.14 -6.36 0.35
CA LYS A 294 13.33 -5.39 -0.38
C LYS A 294 12.18 -6.07 -1.13
N LEU A 295 11.03 -6.17 -0.47
CA LEU A 295 9.82 -6.82 -1.02
C LEU A 295 8.85 -5.82 -1.63
N SER A 296 8.87 -5.70 -2.95
CA SER A 296 8.00 -4.76 -3.67
C SER A 296 7.16 -5.36 -4.82
N ARG A 297 5.88 -5.02 -4.85
CA ARG A 297 4.97 -5.50 -5.90
C ARG A 297 4.80 -7.03 -5.92
N ASN A 298 4.68 -7.62 -4.73
CA ASN A 298 4.54 -9.07 -4.59
C ASN A 298 5.75 -9.73 -5.26
N THR A 299 6.94 -9.24 -4.95
CA THR A 299 8.20 -9.75 -5.52
C THR A 299 9.39 -9.70 -4.55
N VAL A 300 9.54 -10.72 -3.73
CA VAL A 300 10.64 -10.77 -2.77
C VAL A 300 11.98 -10.85 -3.50
N THR A 301 13.00 -10.16 -3.01
CA THR A 301 14.33 -10.19 -3.64
C THR A 301 15.39 -10.59 -2.62
N ILE A 302 15.73 -11.88 -2.63
CA ILE A 302 16.72 -12.46 -1.73
C ILE A 302 18.14 -12.34 -2.27
N PRO A 303 19.10 -11.95 -1.41
CA PRO A 303 20.52 -11.80 -1.77
C PRO A 303 21.24 -13.15 -1.66
N LEU A 319 25.23 -8.49 -5.39
CA LEU A 319 24.83 -8.69 -6.77
C LEU A 319 23.99 -9.96 -6.90
N ALA A 320 24.28 -10.95 -6.07
CA ALA A 320 23.54 -12.22 -6.10
C ALA A 320 22.07 -11.89 -5.81
N THR A 321 21.15 -12.39 -6.64
CA THR A 321 19.74 -12.07 -6.40
C THR A 321 18.70 -13.02 -7.01
N LYS A 322 18.09 -13.84 -6.15
CA LYS A 322 17.06 -14.79 -6.54
C LYS A 322 15.74 -14.08 -6.33
N LYS A 323 14.75 -14.34 -7.19
CA LYS A 323 13.47 -13.66 -7.06
C LYS A 323 12.26 -14.59 -6.90
N TYR A 324 11.55 -14.45 -5.78
CA TYR A 324 10.34 -15.24 -5.52
C TYR A 324 9.13 -14.33 -5.60
N ASP A 325 8.06 -14.82 -6.22
CA ASP A 325 6.85 -14.02 -6.36
C ASP A 325 5.78 -14.47 -5.38
N ILE A 326 5.38 -13.56 -4.50
CA ILE A 326 4.32 -13.86 -3.55
C ILE A 326 3.03 -13.39 -4.21
N GLU A 327 2.54 -14.19 -5.16
CA GLU A 327 1.33 -13.90 -5.91
C GLU A 327 0.13 -13.80 -4.96
N PRO A 328 -0.68 -12.74 -5.08
CA PRO A 328 -1.85 -12.56 -4.23
C PRO A 328 -2.62 -13.88 -4.18
N ASN A 329 -3.16 -14.20 -3.01
CA ASN A 329 -3.88 -15.46 -2.79
C ASN A 329 -2.86 -16.59 -2.63
N ASP A 330 -1.71 -16.27 -2.07
CA ASP A 330 -0.64 -17.23 -1.86
C ASP A 330 -0.93 -18.07 -0.64
N PHE A 331 -1.84 -19.02 -0.79
CA PHE A 331 -2.23 -19.96 0.26
C PHE A 331 -1.52 -19.83 1.61
N PHE A 332 -0.19 -19.86 1.62
CA PHE A 332 0.60 -19.74 2.86
C PHE A 332 0.65 -18.29 3.36
N TRP A 333 1.20 -17.41 2.53
CA TRP A 333 1.33 -16.00 2.86
C TRP A 333 0.11 -15.36 3.50
N MSE A 334 -1.07 -15.57 2.94
CA MSE A 334 -2.29 -14.98 3.50
C MSE A 334 -2.66 -15.71 4.79
O MSE A 334 -3.75 -15.54 5.34
CB MSE A 334 -3.43 -15.04 2.46
CG MSE A 334 -4.56 -16.06 2.74
SE MSE A 334 -5.71 -16.40 1.19
CE MSE A 334 -7.45 -16.40 2.08
N GLU A 335 -1.74 -16.51 5.29
CA GLU A 335 -1.99 -17.26 6.51
C GLU A 335 -0.91 -17.05 7.56
N ASN A 336 0.29 -16.70 7.11
CA ASN A 336 1.41 -16.53 8.02
C ASN A 336 2.17 -15.22 7.82
N SER A 337 1.48 -14.19 7.34
CA SER A 337 2.09 -12.89 7.12
C SER A 337 2.14 -12.14 8.44
N HIS A 338 1.01 -12.15 9.14
CA HIS A 338 0.90 -11.47 10.40
C HIS A 338 1.48 -12.30 11.55
N LEU A 339 1.99 -13.49 11.23
CA LEU A 339 2.58 -14.34 12.27
C LEU A 339 4.07 -14.08 12.48
N PRO A 340 4.51 -14.27 13.74
CA PRO A 340 5.91 -14.07 14.12
C PRO A 340 6.75 -15.13 13.45
N PHE A 341 7.98 -14.77 13.08
CA PHE A 341 8.90 -15.69 12.41
C PHE A 341 8.80 -17.19 12.80
N PRO A 342 8.83 -17.52 14.10
CA PRO A 342 8.74 -18.90 14.61
C PRO A 342 7.49 -19.66 14.17
N GLU A 343 6.29 -19.17 14.50
CA GLU A 343 5.04 -19.83 14.07
C GLU A 343 5.09 -20.08 12.58
N ALA A 344 5.36 -19.01 11.83
CA ALA A 344 5.45 -19.08 10.38
C ALA A 344 6.41 -20.19 9.95
N ALA A 345 7.66 -20.11 10.40
CA ALA A 345 8.65 -21.12 10.07
C ALA A 345 8.02 -22.50 10.34
N GLU A 346 7.33 -22.62 11.47
CA GLU A 346 6.67 -23.87 11.86
C GLU A 346 5.56 -24.25 10.89
N ASN A 347 4.56 -23.37 10.77
CA ASN A 347 3.42 -23.61 9.87
C ASN A 347 3.85 -24.03 8.47
N VAL A 348 5.04 -23.59 8.05
CA VAL A 348 5.55 -23.99 6.74
C VAL A 348 5.78 -25.50 6.77
N GLU A 349 6.59 -25.96 7.72
CA GLU A 349 6.87 -27.38 7.85
C GLU A 349 5.67 -28.23 8.22
N ALA A 350 4.56 -27.59 8.57
CA ALA A 350 3.35 -28.34 8.88
C ALA A 350 2.65 -28.59 7.55
N ALA A 351 2.77 -27.62 6.65
CA ALA A 351 2.18 -27.68 5.31
C ALA A 351 2.97 -28.59 4.39
N LEU A 352 4.30 -28.48 4.42
CA LEU A 352 5.15 -29.33 3.59
C LEU A 352 4.94 -30.77 4.03
N ASN A 353 4.40 -30.90 5.24
CA ASN A 353 4.13 -32.18 5.85
C ASN A 353 2.75 -32.66 5.43
N THR A 354 1.77 -31.77 5.45
CA THR A 354 0.42 -32.14 5.05
C THR A 354 0.36 -32.16 3.52
N TYR A 355 1.42 -31.72 2.85
CA TYR A 355 1.48 -31.73 1.38
C TYR A 355 2.00 -33.11 0.98
N LYS A 356 3.03 -33.57 1.68
CA LYS A 356 3.63 -34.87 1.44
C LYS A 356 2.56 -35.95 1.66
N GLU A 357 1.60 -35.66 2.53
CA GLU A 357 0.51 -36.59 2.83
C GLU A 357 -0.56 -36.49 1.74
N GLU A 358 -1.10 -35.29 1.59
CA GLU A 358 -2.13 -34.99 0.61
C GLU A 358 -1.76 -35.59 -0.75
N ALA A 359 -0.51 -35.41 -1.14
CA ALA A 359 -0.02 -35.92 -2.42
C ALA A 359 0.16 -37.43 -2.48
N ALA A 360 0.20 -38.09 -1.32
CA ALA A 360 0.37 -39.55 -1.26
C ALA A 360 -0.92 -40.31 -1.52
N GLU A 361 -2.05 -39.68 -1.18
CA GLU A 361 -3.35 -40.29 -1.40
C GLU A 361 -3.71 -40.20 -2.87
N ILE A 362 -3.28 -39.13 -3.52
CA ILE A 362 -3.51 -38.92 -4.94
C ILE A 362 -2.49 -39.71 -5.76
N THR A 363 -1.39 -40.06 -5.12
CA THR A 363 -0.33 -40.83 -5.77
C THR A 363 -0.74 -42.29 -5.83
N ARG A 364 -1.92 -42.60 -5.28
CA ARG A 364 -2.44 -43.96 -5.30
C ARG A 364 -3.30 -44.11 -6.55
N LYS A 365 -4.33 -43.28 -6.67
CA LYS A 365 -5.23 -43.31 -7.84
C LYS A 365 -4.41 -43.24 -9.13
N THR A 366 -3.52 -42.24 -9.21
CA THR A 366 -2.66 -42.06 -10.38
C THR A 366 -1.40 -42.90 -10.24
N GLU A 387 4.08 -23.17 -17.49
CA GLU A 387 3.35 -23.11 -18.74
C GLU A 387 3.16 -24.49 -19.39
N VAL A 388 3.61 -25.55 -18.71
CA VAL A 388 3.50 -26.93 -19.24
C VAL A 388 2.31 -27.66 -18.61
N VAL A 389 1.45 -28.22 -19.44
CA VAL A 389 0.29 -28.94 -18.92
C VAL A 389 0.84 -30.10 -18.09
N LYS A 390 0.81 -29.95 -16.76
CA LYS A 390 1.32 -30.96 -15.84
C LYS A 390 0.22 -31.94 -15.38
N LYS A 391 0.62 -33.18 -15.06
CA LYS A 391 -0.32 -34.21 -14.62
C LYS A 391 -1.29 -33.71 -13.55
N LEU A 392 -0.76 -33.04 -12.52
CA LEU A 392 -1.60 -32.49 -11.46
C LEU A 392 -1.15 -31.05 -11.15
N PRO A 393 -1.84 -30.03 -11.71
CA PRO A 393 -1.52 -28.61 -11.49
C PRO A 393 -1.71 -28.17 -10.05
N GLU A 394 -2.89 -28.47 -9.50
CA GLU A 394 -3.25 -28.12 -8.12
C GLU A 394 -2.12 -28.47 -7.15
N LEU A 395 -1.63 -29.71 -7.24
CA LEU A 395 -0.55 -30.20 -6.38
C LEU A 395 0.78 -29.50 -6.68
N THR A 396 1.21 -29.50 -7.93
CA THR A 396 2.46 -28.85 -8.28
C THR A 396 2.48 -27.39 -7.85
N ALA A 397 1.38 -26.69 -8.12
CA ALA A 397 1.27 -25.28 -7.76
C ALA A 397 1.37 -25.09 -6.25
N LYS A 398 0.68 -25.96 -5.51
CA LYS A 398 0.69 -25.93 -4.05
C LYS A 398 2.06 -26.20 -3.46
N LYS A 399 2.77 -27.18 -4.01
CA LYS A 399 4.08 -27.48 -3.47
C LYS A 399 5.00 -26.31 -3.76
N ASN A 400 4.88 -25.75 -4.97
CA ASN A 400 5.74 -24.64 -5.35
C ASN A 400 5.58 -23.38 -4.50
N THR A 401 4.36 -23.07 -4.03
CA THR A 401 4.20 -21.90 -3.17
C THR A 401 5.03 -22.25 -1.92
N ILE A 402 4.87 -23.48 -1.42
CA ILE A 402 5.63 -23.93 -0.25
C ILE A 402 7.13 -23.85 -0.51
N ASP A 403 7.58 -24.31 -1.67
CA ASP A 403 8.99 -24.26 -2.02
C ASP A 403 9.50 -22.83 -1.90
N THR A 404 8.61 -21.87 -2.13
CA THR A 404 9.00 -20.47 -2.04
C THR A 404 9.34 -20.06 -0.62
N HIS A 405 8.31 -20.03 0.23
CA HIS A 405 8.49 -19.65 1.63
C HIS A 405 9.52 -20.58 2.27
N MSE A 406 9.46 -21.85 1.87
CA MSE A 406 10.37 -22.88 2.39
C MSE A 406 11.78 -22.34 2.56
O MSE A 406 12.39 -22.55 3.61
CB MSE A 406 10.41 -24.09 1.46
CG MSE A 406 10.98 -25.35 2.11
SE MSE A 406 9.94 -26.00 3.66
CE MSE A 406 10.81 -24.93 5.02
N ASN A 407 12.30 -21.65 1.56
CA ASN A 407 13.64 -21.09 1.67
C ASN A 407 13.68 -19.58 1.90
N ILE A 408 12.51 -18.93 1.95
CA ILE A 408 12.50 -17.52 2.26
C ILE A 408 12.91 -17.57 3.73
N PHE A 409 12.30 -18.50 4.46
CA PHE A 409 12.62 -18.70 5.87
C PHE A 409 14.09 -19.07 5.96
N ALA A 410 14.51 -20.02 5.13
CA ALA A 410 15.89 -20.46 5.12
C ALA A 410 16.83 -19.29 4.86
N ALA A 411 16.69 -18.64 3.71
CA ALA A 411 17.54 -17.50 3.38
C ALA A 411 17.43 -16.41 4.44
N LEU A 412 16.32 -16.41 5.16
CA LEU A 412 16.09 -15.42 6.22
C LEU A 412 17.05 -15.73 7.37
N LEU A 413 16.99 -16.96 7.87
CA LEU A 413 17.89 -17.40 8.94
C LEU A 413 19.32 -17.03 8.55
N SER A 414 19.70 -17.40 7.34
CA SER A 414 21.03 -17.07 6.82
C SER A 414 21.35 -15.61 7.10
N GLN A 415 20.40 -14.74 6.77
CA GLN A 415 20.56 -13.31 6.98
C GLN A 415 20.54 -12.96 8.47
N LEU A 416 19.72 -13.64 9.26
CA LEU A 416 19.65 -13.40 10.70
C LEU A 416 21.03 -13.60 11.32
N GLU A 417 21.55 -14.82 11.20
CA GLU A 417 22.86 -15.15 11.76
C GLU A 417 24.04 -14.39 11.17
N SER A 418 24.12 -14.31 9.83
CA SER A 418 25.24 -13.61 9.20
C SER A 418 25.42 -12.16 9.62
N LYS A 419 24.58 -11.67 10.54
CA LYS A 419 24.70 -10.30 11.02
C LYS A 419 24.02 -10.15 12.37
N SER A 420 23.90 -11.27 13.08
CA SER A 420 23.27 -11.33 14.41
C SER A 420 22.24 -10.22 14.57
N LEU A 421 21.05 -10.44 14.00
CA LEU A 421 19.97 -9.45 14.02
C LEU A 421 19.13 -9.44 15.29
N ASP A 422 18.93 -10.60 15.89
CA ASP A 422 18.13 -10.70 17.12
C ASP A 422 18.58 -9.74 18.23
N THR A 423 19.72 -9.09 18.00
CA THR A 423 20.27 -8.14 18.97
C THR A 423 19.51 -6.82 18.89
N PHE A 424 19.57 -6.17 17.74
CA PHE A 424 18.91 -4.88 17.56
C PHE A 424 17.50 -4.91 18.07
N PHE A 425 16.81 -6.03 17.85
CA PHE A 425 15.43 -6.15 18.29
C PHE A 425 15.25 -5.93 19.78
N GLU A 426 16.20 -6.43 20.58
CA GLU A 426 16.12 -6.29 22.03
C GLU A 426 16.52 -4.87 22.48
N VAL A 427 17.57 -4.34 21.87
CA VAL A 427 18.08 -3.01 22.18
C VAL A 427 16.99 -1.97 22.09
N GLU A 428 15.92 -2.32 21.38
CA GLU A 428 14.81 -1.40 21.17
C GLU A 428 13.55 -1.73 21.98
N GLN A 429 13.55 -2.86 22.67
CA GLN A 429 12.38 -3.24 23.44
C GLN A 429 12.38 -2.69 24.86
N ASP A 430 13.39 -1.89 25.21
CA ASP A 430 13.49 -1.33 26.56
C ASP A 430 13.64 0.20 26.73
N PRO A 431 14.19 0.91 25.71
CA PRO A 431 14.36 2.36 25.85
C PRO A 431 14.30 2.89 27.27
N GLY A 432 15.40 2.73 28.00
CA GLY A 432 15.47 3.20 29.37
C GLY A 432 16.86 3.26 29.98
N SER A 433 17.07 2.49 31.06
CA SER A 433 18.33 2.49 31.76
C SER A 433 19.46 1.77 31.05
N THR A 434 20.68 1.97 31.56
CA THR A 434 21.87 1.36 31.01
C THR A 434 21.71 -0.12 30.68
N LYS A 435 20.70 -0.76 31.29
CA LYS A 435 20.43 -2.17 31.02
C LYS A 435 20.54 -2.31 29.51
N THR A 436 19.80 -1.43 28.83
CA THR A 436 19.76 -1.38 27.36
C THR A 436 20.91 -0.54 26.83
N ARG A 437 21.18 0.59 27.49
CA ARG A 437 22.25 1.48 27.07
C ARG A 437 23.51 0.69 26.72
N SER A 438 23.91 -0.20 27.63
CA SER A 438 25.10 -1.00 27.45
C SER A 438 24.99 -1.96 26.27
N ARG A 439 23.97 -2.81 26.31
CA ARG A 439 23.72 -3.81 25.28
C ARG A 439 23.92 -3.26 23.88
N PHE A 440 23.83 -1.94 23.74
CA PHE A 440 24.03 -1.31 22.43
C PHE A 440 25.51 -1.17 22.08
N LEU A 441 26.25 -0.37 22.83
CA LEU A 441 27.68 -0.21 22.55
C LEU A 441 28.27 -1.62 22.55
N ASP A 442 27.74 -2.44 23.46
CA ASP A 442 28.14 -3.83 23.59
C ASP A 442 28.03 -4.52 22.22
N ILE A 443 26.91 -4.29 21.53
CA ILE A 443 26.67 -4.89 20.22
C ILE A 443 27.55 -4.27 19.13
N LEU A 444 27.75 -2.95 19.16
CA LEU A 444 28.59 -2.31 18.16
C LEU A 444 30.06 -2.50 18.49
N LYS A 445 30.30 -3.32 19.50
CA LYS A 445 31.66 -3.65 19.93
C LYS A 445 32.12 -4.90 19.18
N ASP A 446 31.16 -5.74 18.82
CA ASP A 446 31.44 -6.98 18.09
C ASP A 446 31.40 -6.67 16.59
N GLY A 447 31.95 -5.51 16.25
CA GLY A 447 32.00 -5.03 14.88
C GLY A 447 31.88 -6.01 13.73
N LYS A 448 31.27 -5.53 12.64
CA LYS A 448 31.09 -6.29 11.42
C LYS A 448 30.98 -5.29 10.27
N THR A 449 29.88 -5.36 9.52
CA THR A 449 29.64 -4.44 8.41
C THR A 449 28.18 -4.60 8.01
N ASN A 450 27.71 -5.84 8.06
CA ASN A 450 26.32 -6.12 7.72
C ASN A 450 25.44 -5.76 8.90
N ASN A 451 25.90 -4.79 9.69
CA ASN A 451 25.17 -4.31 10.84
C ASN A 451 25.05 -2.79 10.73
N LEU A 452 26.09 -2.20 10.14
CA LEU A 452 26.19 -0.77 9.93
C LEU A 452 24.85 -0.03 9.82
N GLU A 453 23.99 -0.46 8.88
CA GLU A 453 22.68 0.17 8.70
C GLU A 453 21.77 0.00 9.92
N ASP A 454 21.63 -1.24 10.37
CA ASP A 454 20.79 -1.57 11.52
C ASP A 454 21.28 -0.82 12.75
N LYS A 455 22.60 -0.66 12.84
CA LYS A 455 23.20 0.04 13.95
C LYS A 455 22.53 1.41 14.02
N LEU A 456 22.79 2.23 13.00
CA LEU A 456 22.23 3.59 12.92
C LEU A 456 20.74 3.59 13.24
N ARG A 457 20.03 2.59 12.73
CA ARG A 457 18.60 2.50 12.97
C ARG A 457 18.25 2.29 14.43
N SER A 458 18.70 1.19 15.01
CA SER A 458 18.40 0.93 16.41
C SER A 458 18.81 2.12 17.28
N PHE A 459 19.84 2.85 16.85
CA PHE A 459 20.30 4.01 17.60
C PHE A 459 19.20 5.04 17.55
N ILE A 460 18.87 5.47 16.34
CA ILE A 460 17.80 6.45 16.11
C ILE A 460 16.56 6.08 16.92
N VAL A 461 16.13 4.83 16.82
CA VAL A 461 14.98 4.39 17.60
C VAL A 461 15.20 4.80 19.05
N LEU A 462 16.31 4.37 19.62
CA LEU A 462 16.64 4.73 21.01
C LEU A 462 16.62 6.23 21.26
N TYR A 463 17.40 6.97 20.47
CA TYR A 463 17.47 8.41 20.63
C TYR A 463 16.08 9.04 20.63
N LEU A 464 15.15 8.47 19.85
CA LEU A 464 13.78 8.99 19.75
C LEU A 464 12.79 8.52 20.82
N THR A 465 12.82 7.22 21.16
CA THR A 465 11.91 6.66 22.17
C THR A 465 12.39 6.85 23.62
N SER A 466 13.67 7.16 23.77
CA SER A 466 14.37 7.37 25.04
C SER A 466 13.57 7.68 26.31
N THR A 467 12.54 8.53 26.18
CA THR A 467 11.72 8.94 27.31
C THR A 467 12.58 9.52 28.41
N THR A 468 13.78 9.97 28.03
CA THR A 468 14.71 10.57 28.98
C THR A 468 16.04 10.89 28.31
N GLY A 469 16.33 12.18 28.24
CA GLY A 469 17.56 12.67 27.63
C GLY A 469 18.39 11.83 26.66
N LEU A 470 19.06 10.80 27.20
CA LEU A 470 19.96 9.93 26.44
C LEU A 470 21.30 10.67 26.51
N PRO A 471 22.12 10.32 27.53
CA PRO A 471 23.45 10.86 27.84
C PRO A 471 24.27 11.39 26.66
N LYS A 472 24.81 12.60 26.82
CA LYS A 472 25.64 13.22 25.80
C LYS A 472 26.78 12.26 25.39
N ASP A 473 26.97 11.23 26.22
CA ASP A 473 28.00 10.21 26.00
C ASP A 473 27.72 9.42 24.74
N PHE A 474 26.62 8.66 24.76
CA PHE A 474 26.23 7.86 23.60
C PHE A 474 26.33 8.69 22.34
N VAL A 475 25.54 9.76 22.28
CA VAL A 475 25.56 10.62 21.11
C VAL A 475 26.97 10.89 20.61
N GLN A 476 27.95 10.89 21.51
CA GLN A 476 29.35 11.12 21.17
C GLN A 476 30.06 9.81 20.80
N ASN A 477 30.10 8.89 21.76
CA ASN A 477 30.71 7.57 21.60
C ASN A 477 30.17 6.80 20.38
N VAL A 478 28.84 6.71 20.28
CA VAL A 478 28.20 6.02 19.17
C VAL A 478 28.41 6.83 17.89
N GLU A 479 28.26 8.15 17.97
CA GLU A 479 28.45 9.00 16.80
C GLU A 479 29.83 8.73 16.25
N ASN A 480 30.81 8.55 17.14
CA ASN A 480 32.20 8.26 16.76
C ASN A 480 32.27 6.97 15.93
N TYR A 481 31.75 5.88 16.52
CA TYR A 481 31.72 4.56 15.89
C TYR A 481 31.33 4.56 14.41
N PHE A 482 30.61 5.61 13.99
CA PHE A 482 30.18 5.76 12.60
C PHE A 482 31.13 6.63 11.76
N LYS A 483 31.46 7.81 12.27
CA LYS A 483 32.37 8.73 11.57
C LYS A 483 33.76 8.12 11.40
N GLU A 484 34.07 7.12 12.22
CA GLU A 484 35.36 6.43 12.13
C GLU A 484 35.25 5.23 11.18
N ASN A 485 34.10 4.55 11.22
CA ASN A 485 33.83 3.42 10.35
C ASN A 485 33.36 4.05 9.04
N ASP A 486 33.33 5.37 9.04
CA ASP A 486 32.92 6.20 7.90
C ASP A 486 31.65 5.76 7.18
N TYR A 487 30.51 6.06 7.79
CA TYR A 487 29.18 5.74 7.25
C TYR A 487 28.37 7.02 7.50
N ASP A 488 28.47 7.96 6.56
CA ASP A 488 27.80 9.26 6.67
C ASP A 488 26.63 9.25 7.67
N ILE A 489 26.69 10.18 8.62
CA ILE A 489 25.69 10.32 9.64
C ILE A 489 24.92 11.63 9.41
N ASN A 490 24.93 12.09 8.16
CA ASN A 490 24.24 13.33 7.79
C ASN A 490 22.82 13.33 8.34
N ALA A 491 22.31 12.13 8.60
CA ALA A 491 20.96 11.94 9.12
C ALA A 491 20.82 12.35 10.59
N LEU A 492 21.67 11.82 11.46
CA LEU A 492 21.59 12.13 12.89
C LEU A 492 21.55 13.63 13.19
N LYS A 493 21.66 14.45 12.16
CA LYS A 493 21.59 15.90 12.31
C LYS A 493 20.11 16.20 12.47
N TYR A 494 19.34 15.82 11.45
CA TYR A 494 17.91 16.05 11.43
C TYR A 494 17.16 15.18 12.44
N VAL A 495 17.56 13.92 12.57
CA VAL A 495 16.88 13.00 13.49
C VAL A 495 16.64 13.59 14.87
N TYR A 496 17.67 14.17 15.46
CA TYR A 496 17.56 14.75 16.80
C TYR A 496 16.41 15.75 16.95
N LYS A 497 15.98 16.35 15.84
CA LYS A 497 14.87 17.30 15.90
C LYS A 497 13.56 16.56 16.08
N LEU A 498 13.38 15.50 15.29
CA LEU A 498 12.18 14.66 15.33
C LEU A 498 11.89 14.07 16.70
N ARG A 499 12.88 14.12 17.59
CA ARG A 499 12.70 13.58 18.93
C ARG A 499 11.58 14.30 19.66
N GLU A 500 11.57 15.63 19.60
CA GLU A 500 10.54 16.40 20.30
C GLU A 500 9.15 16.01 19.85
N PHE A 501 9.03 15.46 18.64
CA PHE A 501 7.72 15.02 18.14
C PHE A 501 7.38 13.65 18.74
N MSE A 502 8.28 12.69 18.56
CA MSE A 502 8.08 11.34 19.08
C MSE A 502 7.75 11.39 20.56
O MSE A 502 7.03 10.54 21.10
CB MSE A 502 9.33 10.50 18.87
CG MSE A 502 9.20 9.48 17.75
SE MSE A 502 7.88 8.13 18.17
CE MSE A 502 8.82 7.21 19.58
N GLN A 503 8.31 12.40 21.22
CA GLN A 503 8.08 12.58 22.65
C GLN A 503 6.73 13.20 22.96
N LEU A 504 6.28 14.13 22.14
CA LEU A 504 5.00 14.77 22.38
C LEU A 504 3.86 13.83 22.10
N SER A 505 3.92 13.02 21.04
CA SER A 505 2.78 12.14 20.81
C SER A 505 2.83 10.84 21.64
N ASN A 506 4.00 10.48 22.15
CA ASN A 506 4.05 9.28 22.97
C ASN A 506 3.54 9.64 24.36
N MSE A 507 3.61 10.94 24.67
CA MSE A 507 3.15 11.48 25.94
C MSE A 507 1.66 11.84 25.87
O MSE A 507 0.93 11.85 26.88
CB MSE A 507 3.93 12.76 26.26
CG MSE A 507 5.38 12.62 26.71
SE MSE A 507 6.19 14.44 26.74
CE MSE A 507 4.97 15.33 28.00
N SER A 508 1.21 12.14 24.65
CA SER A 508 -0.16 12.53 24.40
C SER A 508 -1.07 11.32 24.23
N LEU A 509 -0.45 10.17 23.98
CA LEU A 509 -1.20 8.94 23.79
C LEU A 509 -0.99 7.96 24.92
N GLN A 510 -1.77 6.88 24.90
CA GLN A 510 -1.73 5.82 25.90
C GLN A 510 -1.75 4.50 25.16
N ASN A 511 -0.63 3.77 25.21
CA ASN A 511 -0.53 2.47 24.54
C ASN A 511 -1.27 1.37 25.33
N LYS A 512 -2.21 0.68 24.67
CA LYS A 512 -2.96 -0.45 25.25
C LYS A 512 -2.19 -1.67 24.77
N SER A 513 -2.50 -2.86 25.27
CA SER A 513 -1.73 -4.02 24.81
C SER A 513 -2.51 -5.25 24.35
N LEU A 514 -1.80 -6.37 24.19
CA LEU A 514 -2.38 -7.63 23.75
C LEU A 514 -3.04 -7.49 22.39
N TYR A 533 19.17 -25.36 3.84
CA TYR A 533 17.81 -25.64 3.39
C TYR A 533 17.35 -26.93 3.97
N GLY A 534 18.08 -28.02 3.72
CA GLY A 534 17.68 -29.30 4.29
C GLY A 534 17.52 -29.09 5.78
N LEU A 535 18.33 -28.18 6.32
CA LEU A 535 18.32 -27.82 7.73
C LEU A 535 16.92 -27.30 8.06
N THR A 536 16.35 -26.50 7.14
CA THR A 536 14.99 -26.05 7.39
C THR A 536 13.96 -27.19 7.38
N GLU A 537 13.88 -28.02 6.30
CA GLU A 537 12.98 -29.19 6.22
C GLU A 537 13.28 -29.88 7.55
N GLY A 538 14.49 -29.61 8.06
CA GLY A 538 14.86 -30.10 9.37
C GLY A 538 13.90 -29.76 10.54
N LYS A 539 13.84 -28.51 11.05
CA LYS A 539 12.98 -28.07 12.21
C LYS A 539 11.54 -28.56 12.36
N LEU A 540 11.20 -29.72 11.81
CA LEU A 540 9.84 -30.23 11.92
C LEU A 540 9.66 -31.02 13.21
N GLN A 541 9.71 -30.31 14.33
CA GLN A 541 9.56 -30.89 15.66
C GLN A 541 8.48 -30.17 16.44
N GLY A 542 8.23 -28.91 16.07
CA GLY A 542 7.22 -28.13 16.76
C GLY A 542 7.95 -27.34 17.83
N GLY A 543 9.27 -27.42 17.79
CA GLY A 543 10.10 -26.72 18.75
C GLY A 543 11.09 -25.73 18.17
N VAL A 544 12.32 -26.17 17.91
CA VAL A 544 13.34 -25.27 17.38
C VAL A 544 14.47 -25.94 16.57
N GLY A 545 15.52 -25.15 16.31
CA GLY A 545 16.71 -25.58 15.60
C GLY A 545 17.88 -24.89 16.28
N SER A 546 17.64 -24.49 17.53
CA SER A 546 18.60 -23.81 18.41
C SER A 546 18.68 -22.31 18.13
N LEU A 547 17.76 -21.80 17.31
CA LEU A 547 17.73 -20.38 16.97
C LEU A 547 16.29 -19.85 17.09
N ILE A 548 15.32 -20.75 16.91
CA ILE A 548 13.90 -20.42 17.01
C ILE A 548 13.55 -20.32 18.50
N SER A 549 14.40 -20.93 19.32
CA SER A 549 14.24 -20.95 20.76
C SER A 549 14.40 -19.55 21.32
N GLY A 550 15.49 -18.89 20.90
CA GLY A 550 15.77 -17.55 21.37
C GLY A 550 14.74 -16.54 20.93
N ILE A 551 14.32 -16.62 19.67
CA ILE A 551 13.33 -15.70 19.14
C ILE A 551 11.95 -15.91 19.77
N LYS A 552 11.60 -17.15 20.06
CA LYS A 552 10.30 -17.46 20.67
C LYS A 552 10.19 -16.96 22.12
N LYS A 553 11.32 -16.95 22.82
CA LYS A 553 11.36 -16.48 24.20
C LYS A 553 11.38 -14.96 24.19
N LEU A 554 12.05 -14.39 23.20
CA LEU A 554 12.17 -12.94 23.05
C LEU A 554 10.88 -12.30 22.49
N LEU A 555 9.75 -12.98 22.65
CA LEU A 555 8.45 -12.47 22.16
C LEU A 555 7.88 -11.52 23.21
N PRO A 556 8.06 -10.20 23.00
CA PRO A 556 7.57 -9.17 23.93
C PRO A 556 6.07 -8.82 23.94
N GLU A 557 5.82 -7.58 24.34
CA GLU A 557 4.47 -7.03 24.43
C GLU A 557 4.07 -6.39 23.10
N LYS A 558 3.28 -7.09 22.29
CA LYS A 558 2.85 -6.48 21.03
C LYS A 558 1.79 -5.49 21.47
N LYS A 559 2.28 -4.39 22.05
CA LYS A 559 1.45 -3.30 22.55
C LYS A 559 1.05 -2.47 21.35
N THR A 560 -0.02 -1.69 21.47
CA THR A 560 -0.43 -0.87 20.35
C THR A 560 0.63 0.17 20.09
N ILE A 561 0.67 0.65 18.85
CA ILE A 561 1.60 1.69 18.41
C ILE A 561 0.82 3.01 18.40
N PRO A 562 1.53 4.14 18.25
CA PRO A 562 0.88 5.46 18.23
C PRO A 562 -0.28 5.55 17.24
N ILE A 563 -0.09 5.00 16.04
CA ILE A 563 -1.16 5.07 15.04
C ILE A 563 -2.38 4.26 15.47
N THR A 564 -2.16 3.02 15.91
CA THR A 564 -3.24 2.15 16.37
C THR A 564 -4.07 2.85 17.45
N ASN A 565 -3.39 3.61 18.32
CA ASN A 565 -4.09 4.34 19.38
C ASN A 565 -5.06 5.35 18.79
N VAL A 566 -4.53 6.21 17.92
CA VAL A 566 -5.35 7.23 17.26
C VAL A 566 -6.51 6.57 16.51
N VAL A 567 -6.27 5.48 15.78
CA VAL A 567 -7.36 4.83 15.05
C VAL A 567 -8.37 4.27 16.05
N ASP A 568 -7.86 3.53 17.05
CA ASP A 568 -8.67 2.95 18.11
C ASP A 568 -9.65 3.98 18.69
N ALA A 569 -9.13 5.07 19.27
CA ALA A 569 -9.97 6.10 19.84
C ALA A 569 -11.02 6.65 18.88
N ILE A 570 -10.68 6.70 17.59
CA ILE A 570 -11.61 7.23 16.60
C ILE A 570 -12.68 6.24 16.20
N MSE A 571 -12.29 4.98 16.00
CA MSE A 571 -13.23 3.94 15.60
C MSE A 571 -14.08 3.38 16.73
O MSE A 571 -15.23 3.01 16.52
CB MSE A 571 -12.48 2.81 14.89
CG MSE A 571 -12.10 3.13 13.45
SE MSE A 571 -11.52 1.55 12.50
CE MSE A 571 -9.74 1.51 13.22
N ASP A 572 -13.50 3.33 17.93
CA ASP A 572 -14.19 2.78 19.10
C ASP A 572 -13.99 3.71 20.28
N PRO A 573 -14.72 4.83 20.32
CA PRO A 573 -14.67 5.86 21.35
C PRO A 573 -15.00 5.34 22.74
N LEU A 574 -16.13 4.66 22.84
CA LEU A 574 -16.62 4.14 24.10
C LEU A 574 -15.62 3.25 24.84
N ASN A 575 -14.85 2.45 24.13
CA ASN A 575 -13.87 1.59 24.80
C ASN A 575 -12.43 2.05 24.61
N SER A 576 -12.16 3.34 24.81
CA SER A 576 -10.80 3.82 24.63
C SER A 576 -10.31 4.64 25.81
N SER A 577 -8.99 4.65 25.98
CA SER A 577 -8.35 5.39 27.04
C SER A 577 -8.68 6.86 26.91
N GLN A 578 -8.76 7.56 28.03
CA GLN A 578 -9.09 8.98 28.04
C GLN A 578 -8.05 9.77 27.26
N LYS A 579 -6.77 9.41 27.45
CA LYS A 579 -5.68 10.07 26.73
C LYS A 579 -5.86 10.03 25.20
N ASN A 580 -6.02 8.83 24.64
CA ASN A 580 -6.22 8.66 23.20
C ASN A 580 -7.47 9.37 22.69
N LEU A 581 -8.50 9.41 23.52
CA LEU A 581 -9.72 10.08 23.13
C LEU A 581 -9.51 11.59 23.07
N GLU A 582 -8.82 12.11 24.08
CA GLU A 582 -8.57 13.54 24.17
C GLU A 582 -7.62 14.01 23.08
N THR A 583 -6.60 13.19 22.79
CA THR A 583 -5.65 13.57 21.77
C THR A 583 -6.32 13.62 20.40
N THR A 584 -7.04 12.57 20.02
CA THR A 584 -7.75 12.55 18.73
C THR A 584 -8.92 13.53 18.74
N ASP A 585 -9.26 13.99 19.94
CA ASP A 585 -10.36 14.93 20.08
C ASP A 585 -10.01 16.25 19.43
N SER A 586 -8.72 16.49 19.26
CA SER A 586 -8.22 17.74 18.66
C SER A 586 -8.13 17.64 17.13
N TYR A 587 -8.51 16.49 16.61
CA TYR A 587 -8.49 16.24 15.17
C TYR A 587 -9.62 16.85 14.35
N LEU A 588 -9.20 17.63 13.35
CA LEU A 588 -10.08 18.28 12.39
C LEU A 588 -11.14 17.28 11.97
N TYR A 589 -12.40 17.62 12.16
CA TYR A 589 -13.52 16.74 11.79
C TYR A 589 -14.30 17.34 10.64
N ILE A 590 -14.52 16.57 9.58
CA ILE A 590 -15.26 17.10 8.43
C ILE A 590 -16.13 16.06 7.75
N ASP A 591 -17.37 16.47 7.52
CA ASP A 591 -18.38 15.64 6.87
C ASP A 591 -18.79 16.22 5.51
N PRO A 592 -18.44 15.55 4.40
CA PRO A 592 -18.77 16.01 3.04
C PRO A 592 -20.26 16.07 2.71
N LYS A 593 -21.08 15.35 3.46
CA LYS A 593 -22.54 15.32 3.23
C LYS A 593 -23.26 16.59 3.68
N ILE A 594 -22.67 17.32 4.62
CA ILE A 594 -23.24 18.57 5.12
C ILE A 594 -22.57 19.70 4.34
N THR A 595 -22.95 20.95 4.58
CA THR A 595 -22.36 22.05 3.82
C THR A 595 -21.18 22.72 4.54
N ARG A 596 -21.45 23.71 5.37
CA ARG A 596 -20.38 24.40 6.09
C ARG A 596 -20.07 23.71 7.42
N GLY A 597 -21.11 23.14 8.04
CA GLY A 597 -20.94 22.44 9.31
C GLY A 597 -21.77 23.02 10.43
N SER A 598 -21.27 24.11 11.00
CA SER A 598 -21.91 24.87 12.07
C SER A 598 -21.04 26.12 12.12
N HIS A 599 -20.62 26.56 13.31
CA HIS A 599 -19.72 27.70 13.39
C HIS A 599 -18.41 26.99 13.05
N THR A 600 -18.32 25.76 13.56
CA THR A 600 -17.19 24.88 13.35
C THR A 600 -17.66 23.58 12.68
N ARG A 601 -16.82 22.58 12.80
CA ARG A 601 -17.10 21.24 12.34
C ARG A 601 -16.74 20.60 13.66
N LYS A 602 -17.46 21.05 14.70
CA LYS A 602 -17.24 20.60 16.07
C LYS A 602 -17.10 19.09 16.11
N PRO A 603 -15.87 18.60 16.36
CA PRO A 603 -15.62 17.16 16.42
C PRO A 603 -16.67 16.41 17.26
N LYS A 604 -17.15 15.30 16.72
CA LYS A 604 -18.12 14.44 17.38
C LYS A 604 -17.56 13.04 17.34
N ARG A 605 -17.69 12.30 18.45
CA ARG A 605 -17.20 10.92 18.52
C ARG A 605 -18.30 9.96 18.06
N GLN A 606 -17.91 8.95 17.31
CA GLN A 606 -18.85 7.96 16.81
C GLN A 606 -18.05 6.70 16.68
N SER A 607 -18.71 5.57 16.52
CA SER A 607 -17.97 4.33 16.33
C SER A 607 -18.05 4.17 14.83
N TYR A 608 -17.13 3.40 14.24
CA TYR A 608 -17.07 3.15 12.80
C TYR A 608 -16.69 1.69 12.60
N ASN A 609 -17.20 1.07 11.53
CA ASN A 609 -16.88 -0.33 11.22
C ASN A 609 -15.60 -0.33 10.42
N LYS A 610 -15.64 0.37 9.29
CA LYS A 610 -14.50 0.48 8.39
C LYS A 610 -13.88 1.85 8.51
N SER A 611 -12.58 1.90 8.25
CA SER A 611 -11.84 3.16 8.25
C SER A 611 -10.75 3.06 7.19
N LEU A 612 -10.37 4.22 6.69
CA LEU A 612 -9.31 4.33 5.69
C LEU A 612 -8.29 5.18 6.46
N VAL A 613 -7.08 4.69 6.63
CA VAL A 613 -6.06 5.42 7.40
C VAL A 613 -4.90 5.74 6.50
N PHE A 614 -4.62 7.03 6.37
CA PHE A 614 -3.57 7.47 5.48
C PHE A 614 -2.50 8.29 6.18
N VAL A 615 -1.25 7.85 6.09
CA VAL A 615 -0.16 8.64 6.69
C VAL A 615 0.52 9.43 5.58
N VAL A 616 0.47 10.74 5.68
CA VAL A 616 1.07 11.60 4.66
C VAL A 616 2.56 11.76 4.88
N GLY A 617 3.36 11.04 4.09
CA GLY A 617 4.79 11.13 4.24
C GLY A 617 5.49 9.81 4.48
N GLY A 618 4.77 8.70 4.41
CA GLY A 618 5.43 7.41 4.62
C GLY A 618 4.61 6.31 5.27
N GLY A 619 4.68 5.12 4.67
CA GLY A 619 3.94 3.96 5.16
C GLY A 619 4.91 2.83 5.45
N ASN A 620 4.47 1.90 6.30
CA ASN A 620 5.34 0.83 6.69
C ASN A 620 4.55 -0.46 6.87
N TYR A 621 5.22 -1.60 6.80
CA TYR A 621 4.52 -2.86 7.03
C TYR A 621 4.34 -2.97 8.54
N LEU A 622 5.25 -2.34 9.27
CA LEU A 622 5.21 -2.36 10.72
C LEU A 622 3.89 -1.77 11.24
N GLU A 623 3.53 -0.58 10.74
CA GLU A 623 2.26 0.04 11.14
C GLU A 623 1.09 -0.74 10.54
N TYR A 624 1.25 -1.20 9.30
CA TYR A 624 0.19 -1.97 8.67
C TYR A 624 -0.03 -3.21 9.53
N GLN A 625 1.03 -3.95 9.80
CA GLN A 625 0.94 -5.15 10.62
C GLN A 625 0.18 -4.87 11.94
N ASN A 626 0.59 -3.81 12.62
CA ASN A 626 -0.05 -3.45 13.88
C ASN A 626 -1.55 -3.26 13.65
N LEU A 627 -1.91 -2.27 12.83
CA LEU A 627 -3.29 -1.94 12.51
C LEU A 627 -4.19 -3.13 12.20
N GLN A 628 -3.66 -4.13 11.51
CA GLN A 628 -4.45 -5.30 11.18
C GLN A 628 -4.64 -6.20 12.42
N GLU A 629 -3.56 -6.48 13.15
CA GLU A 629 -3.63 -7.31 14.34
C GLU A 629 -4.67 -6.69 15.25
N TRP A 630 -4.62 -5.36 15.39
CA TRP A 630 -5.58 -4.63 16.21
C TRP A 630 -7.00 -4.83 15.72
N ALA A 631 -7.19 -4.72 14.41
CA ALA A 631 -8.52 -4.88 13.81
C ALA A 631 -8.97 -6.32 13.86
N HIS A 632 -8.05 -7.26 13.59
CA HIS A 632 -8.37 -8.68 13.60
C HIS A 632 -8.41 -9.29 15.00
N SER A 633 -8.63 -8.46 16.01
CA SER A 633 -8.70 -8.95 17.38
C SER A 633 -9.83 -8.20 18.06
N GLN A 634 -10.66 -7.55 17.26
CA GLN A 634 -11.79 -6.80 17.79
C GLN A 634 -13.03 -7.66 17.78
N LEU A 635 -13.33 -8.26 18.92
CA LEU A 635 -14.53 -9.08 19.07
C LEU A 635 -15.51 -8.06 19.63
N HIS A 636 -16.80 -8.22 19.36
CA HIS A 636 -17.82 -7.25 19.81
C HIS A 636 -17.66 -6.04 18.88
N ASN A 637 -18.20 -6.12 17.66
CA ASN A 637 -18.08 -5.03 16.69
C ASN A 637 -16.72 -5.11 16.00
N PRO A 638 -16.57 -6.02 15.02
CA PRO A 638 -15.30 -6.17 14.31
C PRO A 638 -15.03 -4.94 13.46
N LYS A 639 -13.75 -4.73 13.13
CA LYS A 639 -13.36 -3.58 12.33
C LYS A 639 -12.49 -3.93 11.13
N LYS A 640 -12.67 -3.15 10.05
CA LYS A 640 -11.85 -3.30 8.86
C LYS A 640 -11.02 -2.04 8.79
N VAL A 641 -9.71 -2.21 8.72
CA VAL A 641 -8.83 -1.07 8.64
C VAL A 641 -8.00 -1.13 7.37
N MSE A 642 -8.14 -0.09 6.54
CA MSE A 642 -7.37 -0.01 5.31
C MSE A 642 -6.27 1.04 5.53
O MSE A 642 -6.55 2.22 5.81
CB MSE A 642 -8.29 0.35 4.15
CG MSE A 642 -9.42 -0.65 3.97
SE MSE A 642 -10.69 -0.28 2.59
CE MSE A 642 -11.98 0.78 3.59
N TYR A 643 -5.04 0.60 5.43
CA TYR A 643 -3.91 1.48 5.65
C TYR A 643 -3.25 1.89 4.34
N GLY A 644 -2.61 3.04 4.34
CA GLY A 644 -1.94 3.53 3.14
C GLY A 644 -1.20 4.82 3.36
N SER A 645 -0.22 5.08 2.51
CA SER A 645 0.56 6.29 2.58
C SER A 645 0.89 6.73 1.16
N THR A 646 1.61 7.85 1.04
CA THR A 646 2.03 8.38 -0.25
C THR A 646 2.90 7.32 -0.91
N ALA A 647 3.64 6.59 -0.08
CA ALA A 647 4.51 5.53 -0.55
C ALA A 647 4.86 4.61 0.63
N ILE A 648 4.99 3.31 0.36
CA ILE A 648 5.35 2.39 1.44
C ILE A 648 6.89 2.36 1.49
N THR A 649 7.46 3.26 2.28
CA THR A 649 8.91 3.36 2.40
C THR A 649 9.58 2.32 3.31
N THR A 650 10.81 1.97 2.95
CA THR A 650 11.62 1.01 3.68
C THR A 650 12.51 1.71 4.69
N PRO A 651 12.67 1.10 5.89
CA PRO A 651 13.51 1.68 6.95
C PRO A 651 14.72 2.33 6.32
N ALA A 652 15.29 1.60 5.36
CA ALA A 652 16.46 2.02 4.62
C ALA A 652 16.17 3.27 3.78
N GLU A 653 15.14 3.18 2.93
CA GLU A 653 14.78 4.29 2.06
C GLU A 653 14.39 5.54 2.81
N PHE A 654 13.67 5.36 3.92
CA PHE A 654 13.23 6.50 4.72
C PHE A 654 14.42 7.11 5.42
N LEU A 655 15.40 6.25 5.73
CA LEU A 655 16.62 6.68 6.38
C LEU A 655 17.37 7.67 5.47
N ASN A 656 17.17 7.53 4.17
CA ASN A 656 17.78 8.42 3.17
C ASN A 656 17.05 9.75 3.21
N GLU A 657 15.75 9.71 2.91
CA GLU A 657 14.91 10.91 2.91
C GLU A 657 15.33 11.81 4.07
N ILE A 658 15.40 11.25 5.27
CA ILE A 658 15.79 12.03 6.43
C ILE A 658 17.14 12.72 6.21
N SER A 659 18.20 11.94 6.08
CA SER A 659 19.53 12.51 5.87
C SER A 659 19.61 13.56 4.75
N ARG A 660 18.77 13.44 3.73
CA ARG A 660 18.77 14.41 2.63
C ARG A 660 18.33 15.75 3.17
N LEU A 661 17.48 15.73 4.19
CA LEU A 661 17.00 16.95 4.82
C LEU A 661 18.08 17.53 5.74
N GLY A 662 18.91 16.67 6.31
CA GLY A 662 19.97 17.14 7.17
C GLY A 662 21.03 17.78 6.30
N ALA A 663 21.19 17.23 5.10
CA ALA A 663 22.16 17.75 4.14
C ALA A 663 21.71 19.10 3.60
N SER A 664 20.47 19.16 3.13
CA SER A 664 19.88 20.36 2.59
C SER A 664 19.60 21.45 3.61
N ASN A 665 19.15 21.06 4.80
CA ASN A 665 18.81 22.01 5.86
C ASN A 665 20.04 22.60 6.58
N SER A 666 21.05 23.01 5.81
CA SER A 666 22.26 23.63 6.35
C SER A 666 22.88 24.56 5.31
N SER A 667 23.12 24.05 4.11
CA SER A 667 23.70 24.85 3.05
C SER A 667 22.86 26.10 2.79
N GLY B 1 -18.65 6.64 -3.91
CA GLY B 1 -19.63 7.51 -3.22
C GLY B 1 -20.82 6.73 -2.71
N ALA B 2 -21.63 6.23 -3.64
CA ALA B 2 -22.82 5.46 -3.29
C ALA B 2 -23.53 4.99 -4.55
N MET B 3 -22.86 4.15 -5.33
CA MET B 3 -23.41 3.63 -6.57
C MET B 3 -23.69 4.80 -7.55
N ALA B 4 -23.26 6.00 -7.16
CA ALA B 4 -23.43 7.20 -7.98
C ALA B 4 -22.11 7.40 -8.72
N GLY B 5 -21.13 6.58 -8.35
CA GLY B 5 -19.82 6.63 -8.96
C GLY B 5 -19.91 6.20 -10.40
N MET B 6 -20.74 5.20 -10.66
CA MET B 6 -20.93 4.70 -12.03
C MET B 6 -21.26 5.90 -12.91
N ASN B 7 -21.94 6.89 -12.33
CA ASN B 7 -22.32 8.11 -13.05
C ASN B 7 -21.12 8.98 -13.41
N ILE B 8 -20.28 9.23 -12.42
CA ILE B 8 -19.09 10.04 -12.61
C ILE B 8 -18.05 9.35 -13.48
N LYS B 9 -18.05 8.02 -13.46
CA LYS B 9 -17.07 7.25 -14.23
C LYS B 9 -17.30 7.22 -15.74
N ASP B 10 -18.54 7.11 -16.18
CA ASP B 10 -18.82 7.06 -17.61
C ASP B 10 -18.82 8.43 -18.27
N ARG B 11 -17.91 8.65 -19.19
CA ARG B 11 -17.87 9.93 -19.86
C ARG B 11 -18.13 9.83 -21.36
N THR B 12 -18.51 8.66 -21.81
CA THR B 12 -18.77 8.45 -23.22
C THR B 12 -19.66 9.51 -23.85
N SER B 13 -20.90 9.66 -23.34
CA SER B 13 -21.82 10.66 -23.90
C SER B 13 -21.21 12.07 -23.86
N GLU B 14 -20.74 12.50 -22.70
CA GLU B 14 -20.11 13.82 -22.61
C GLU B 14 -19.12 13.96 -23.79
N PHE B 15 -18.26 12.96 -23.93
CA PHE B 15 -17.27 12.94 -24.99
C PHE B 15 -17.94 13.16 -26.34
N GLN B 16 -18.71 12.16 -26.75
CA GLN B 16 -19.39 12.20 -28.04
C GLN B 16 -20.05 13.54 -28.28
N GLN B 17 -20.74 14.08 -27.27
CA GLN B 17 -21.41 15.36 -27.45
C GLN B 17 -20.39 16.48 -27.70
N SER B 18 -19.11 16.21 -27.42
CA SER B 18 -18.09 17.21 -27.69
C SER B 18 -17.61 16.98 -29.12
N VAL B 19 -17.38 15.71 -29.44
CA VAL B 19 -16.97 15.36 -30.78
C VAL B 19 -17.96 16.04 -31.70
N LEU B 20 -19.24 15.98 -31.34
CA LEU B 20 -20.28 16.59 -32.14
C LEU B 20 -20.13 18.10 -32.31
N SER B 21 -19.96 18.82 -31.20
CA SER B 21 -19.83 20.26 -31.33
C SER B 21 -18.60 20.58 -32.17
N TYR B 22 -17.51 19.85 -31.99
CA TYR B 22 -16.32 20.10 -32.78
C TYR B 22 -16.54 19.83 -34.26
N LYS B 23 -17.52 19.00 -34.58
CA LYS B 23 -17.80 18.72 -35.97
C LYS B 23 -18.56 19.88 -36.59
N LYS B 24 -19.58 20.35 -35.88
CA LYS B 24 -20.40 21.45 -36.36
C LYS B 24 -19.57 22.70 -36.65
N ARG B 25 -18.55 22.95 -35.83
CA ARG B 25 -17.70 24.12 -36.03
C ARG B 25 -16.77 23.95 -37.23
N ASN B 26 -15.91 22.94 -37.17
CA ASN B 26 -14.95 22.67 -38.24
C ASN B 26 -15.65 22.18 -39.51
#